data_2VBW
#
_entry.id   2VBW
#
_cell.length_a   100.954
_cell.length_b   100.954
_cell.length_c   99.307
_cell.angle_alpha   90.00
_cell.angle_beta   90.00
_cell.angle_gamma   90.00
#
_symmetry.space_group_name_H-M   'P 42 21 2'
#
loop_
_entity.id
_entity.type
_entity.pdbx_description
1 polymer 'TRANSCRIPTIONAL REGULATORY PROTEIN'
2 non-polymer PHENYLALANINE
3 water water
#
_entity_poly.entity_id   1
_entity_poly.type   'polypeptide(L)'
_entity_poly.pdbx_seq_one_letter_code
;MNEALDDIDRILVRELAADGRATLSELATRAGLSVSAVQSRVRRLESRGVVQGYSARINPEAVGHLLSAFVAITPLDPSQ
PDDAPARLEHIEEVESCYSVAGEESYVLLVRVASARALEDLLQRIRTTANVRTRSTIILNTFYSDRQHIP
;
_entity_poly.pdbx_strand_id   A,B
#
# COMPACT_ATOMS: atom_id res chain seq x y z
N ALA A 4 16.27 -4.03 -18.20
CA ALA A 4 16.57 -5.51 -18.19
C ALA A 4 15.54 -6.33 -17.39
N LEU A 5 14.27 -6.19 -17.76
CA LEU A 5 13.24 -7.19 -17.39
C LEU A 5 12.69 -7.77 -18.68
N ASP A 6 13.00 -9.05 -18.93
CA ASP A 6 12.49 -9.66 -20.16
C ASP A 6 11.01 -10.02 -20.02
N ASP A 7 10.41 -10.48 -21.11
CA ASP A 7 9.01 -10.96 -21.14
C ASP A 7 8.62 -11.94 -20.03
N ILE A 8 9.53 -12.86 -19.68
CA ILE A 8 9.29 -13.93 -18.71
C ILE A 8 9.23 -13.35 -17.31
N ASP A 9 10.18 -12.47 -17.01
CA ASP A 9 10.21 -11.79 -15.74
C ASP A 9 8.98 -10.93 -15.47
N ARG A 10 8.47 -10.27 -16.50
CA ARG A 10 7.25 -9.49 -16.36
C ARG A 10 6.11 -10.44 -16.06
N ILE A 11 6.10 -11.61 -16.69
CA ILE A 11 5.03 -12.58 -16.36
C ILE A 11 5.12 -13.00 -14.90
N LEU A 12 6.34 -13.29 -14.46
CA LEU A 12 6.57 -13.75 -13.10
C LEU A 12 6.11 -12.68 -12.08
N VAL A 13 6.52 -11.42 -12.26
CA VAL A 13 6.19 -10.37 -11.27
C VAL A 13 4.68 -10.05 -11.29
N ARG A 14 4.09 -10.04 -12.47
CA ARG A 14 2.65 -9.95 -12.58
C ARG A 14 1.85 -11.04 -11.79
N GLU A 15 2.23 -12.31 -11.96
CA GLU A 15 1.60 -13.40 -11.19
C GLU A 15 1.85 -13.26 -9.69
N LEU A 16 3.06 -12.89 -9.33
CA LEU A 16 3.41 -12.77 -7.93
C LEU A 16 2.79 -11.53 -7.25
N ALA A 17 2.59 -10.43 -7.98
CA ALA A 17 1.77 -9.30 -7.45
C ALA A 17 0.31 -9.68 -7.16
N ALA A 18 -0.28 -10.50 -8.03
CA ALA A 18 -1.67 -10.92 -7.84
C ALA A 18 -1.75 -12.02 -6.81
N ASP A 19 -0.72 -12.87 -6.74
CA ASP A 19 -0.78 -13.96 -5.77
C ASP A 19 0.58 -14.31 -5.19
N GLY A 20 0.93 -13.64 -4.12
CA GLY A 20 2.25 -13.76 -3.54
C GLY A 20 2.57 -15.10 -2.90
N ARG A 21 1.58 -15.96 -2.73
CA ARG A 21 1.83 -17.33 -2.26
C ARG A 21 1.82 -18.38 -3.40
N ALA A 22 1.78 -17.96 -4.66
CA ALA A 22 1.78 -18.85 -5.85
C ALA A 22 2.93 -19.83 -5.76
N THR A 23 2.70 -21.12 -5.99
CA THR A 23 3.86 -22.03 -5.89
C THR A 23 4.73 -22.02 -7.11
N LEU A 24 6.00 -22.31 -6.88
CA LEU A 24 7.00 -22.35 -7.96
C LEU A 24 6.45 -23.18 -9.15
N SER A 25 5.78 -24.26 -8.84
CA SER A 25 5.27 -25.08 -9.91
C SER A 25 4.09 -24.49 -10.63
N GLU A 26 3.19 -23.75 -9.95
CA GLU A 26 2.11 -23.01 -10.68
C GLU A 26 2.78 -21.99 -11.60
N LEU A 27 3.77 -21.27 -11.06
CA LEU A 27 4.50 -20.25 -11.86
C LEU A 27 5.25 -20.82 -13.09
N ALA A 28 5.88 -21.99 -12.93
CA ALA A 28 6.61 -22.67 -14.03
C ALA A 28 5.68 -23.01 -15.17
N THR A 29 4.48 -23.48 -14.86
CA THR A 29 3.55 -23.82 -15.92
C THR A 29 3.00 -22.58 -16.65
N ARG A 30 2.74 -21.47 -15.95
CA ARG A 30 2.37 -20.19 -16.58
C ARG A 30 3.45 -19.59 -17.49
N ALA A 31 4.73 -19.74 -17.11
CA ALA A 31 5.84 -19.16 -17.87
C ALA A 31 6.48 -20.10 -18.91
N GLY A 32 6.06 -21.38 -18.95
CA GLY A 32 6.69 -22.41 -19.80
C GLY A 32 8.12 -22.70 -19.41
N LEU A 33 8.37 -22.80 -18.11
CA LEU A 33 9.72 -23.02 -17.64
C LEU A 33 9.73 -24.24 -16.71
N SER A 34 10.93 -24.69 -16.37
CA SER A 34 11.06 -25.67 -15.29
C SER A 34 10.98 -25.01 -13.88
N VAL A 35 10.73 -25.80 -12.84
CA VAL A 35 10.58 -25.26 -11.53
C VAL A 35 11.89 -24.64 -11.09
N SER A 36 13.01 -25.27 -11.47
CA SER A 36 14.38 -24.76 -11.20
C SER A 36 14.66 -23.42 -11.86
N ALA A 37 14.35 -23.32 -13.16
CA ALA A 37 14.42 -22.08 -13.90
C ALA A 37 13.61 -20.98 -13.18
N VAL A 38 12.38 -21.28 -12.77
CA VAL A 38 11.52 -20.33 -12.01
C VAL A 38 12.19 -19.86 -10.69
N GLN A 39 12.68 -20.78 -9.89
CA GLN A 39 13.28 -20.41 -8.62
C GLN A 39 14.44 -19.48 -8.82
N SER A 40 15.20 -19.72 -9.86
CA SER A 40 16.38 -18.97 -10.06
C SER A 40 16.09 -17.54 -10.63
N ARG A 41 15.11 -17.43 -11.53
CA ARG A 41 14.65 -16.14 -11.95
C ARG A 41 13.99 -15.38 -10.76
N VAL A 42 13.32 -16.08 -9.85
CA VAL A 42 12.67 -15.39 -8.72
C VAL A 42 13.72 -14.86 -7.73
N ARG A 43 14.74 -15.68 -7.44
CA ARG A 43 15.89 -15.25 -6.66
C ARG A 43 16.62 -14.02 -7.25
N ARG A 44 16.71 -13.92 -8.56
CA ARG A 44 17.35 -12.75 -9.17
C ARG A 44 16.42 -11.48 -9.12
N LEU A 45 15.11 -11.69 -9.14
CA LEU A 45 14.17 -10.62 -8.98
C LEU A 45 14.28 -10.03 -7.59
N GLU A 46 14.40 -10.89 -6.58
CA GLU A 46 14.54 -10.46 -5.21
C GLU A 46 15.87 -9.75 -4.91
N SER A 47 16.97 -10.28 -5.44
CA SER A 47 18.26 -9.73 -5.10
C SER A 47 18.59 -8.46 -5.92
N ARG A 48 18.00 -8.29 -7.11
CA ARG A 48 18.06 -7.05 -7.86
C ARG A 48 17.10 -5.99 -7.29
N GLY A 49 16.41 -6.34 -6.20
CA GLY A 49 15.40 -5.48 -5.59
C GLY A 49 14.15 -5.15 -6.39
N VAL A 50 13.83 -5.93 -7.42
CA VAL A 50 12.53 -5.77 -8.12
C VAL A 50 11.34 -6.22 -7.25
N VAL A 51 11.53 -7.34 -6.54
CA VAL A 51 10.60 -7.85 -5.58
C VAL A 51 11.21 -7.55 -4.24
N GLN A 52 10.46 -6.83 -3.41
CA GLN A 52 10.99 -6.24 -2.20
C GLN A 52 10.55 -7.08 -1.02
N GLY A 53 9.60 -8.00 -1.22
CA GLY A 53 9.15 -8.89 -0.14
C GLY A 53 7.73 -9.29 -0.48
N TYR A 54 7.09 -10.02 0.44
CA TYR A 54 5.76 -10.62 0.22
C TYR A 54 4.96 -10.34 1.50
N SER A 55 3.70 -9.96 1.39
CA SER A 55 2.87 -9.74 2.59
C SER A 55 1.50 -10.26 2.37
N ALA A 56 0.88 -10.77 3.43
CA ALA A 56 -0.56 -10.87 3.47
C ALA A 56 -1.14 -9.43 3.51
N ARG A 57 -2.23 -9.20 2.78
CA ARG A 57 -3.00 -7.96 2.88
C ARG A 57 -4.03 -8.08 4.02
N ILE A 58 -3.75 -7.41 5.14
CA ILE A 58 -4.59 -7.44 6.34
C ILE A 58 -5.65 -6.34 6.27
N ASN A 59 -6.90 -6.69 6.53
CA ASN A 59 -8.00 -5.73 6.64
C ASN A 59 -7.76 -4.91 7.89
N PRO A 60 -7.45 -3.58 7.75
CA PRO A 60 -7.11 -2.80 8.97
C PRO A 60 -8.24 -2.77 10.03
N GLU A 61 -9.49 -2.66 9.59
CA GLU A 61 -10.62 -2.66 10.56
C GLU A 61 -10.66 -3.90 11.44
N ALA A 62 -10.55 -5.07 10.78
CA ALA A 62 -10.47 -6.36 11.47
C ALA A 62 -9.46 -6.40 12.59
N VAL A 63 -8.38 -5.65 12.51
CA VAL A 63 -7.43 -5.65 13.65
C VAL A 63 -7.64 -4.48 14.62
N GLY A 64 -8.76 -3.78 14.49
CA GLY A 64 -9.04 -2.65 15.38
C GLY A 64 -8.59 -1.25 14.94
N HIS A 65 -8.17 -1.09 13.67
CA HIS A 65 -7.84 0.24 13.12
C HIS A 65 -9.00 0.79 12.36
N LEU A 66 -9.89 1.44 13.09
CA LEU A 66 -11.15 1.89 12.57
C LEU A 66 -11.04 3.26 11.93
N LEU A 67 -9.89 3.92 12.13
CA LEU A 67 -9.68 5.25 11.53
C LEU A 67 -8.34 5.38 10.85
N SER A 68 -8.31 5.79 9.58
CA SER A 68 -7.08 6.05 8.85
C SER A 68 -7.00 7.51 8.38
N ALA A 69 -5.79 8.03 8.15
CA ALA A 69 -5.72 9.43 7.79
C ALA A 69 -4.44 9.70 7.00
N PHE A 70 -4.51 10.65 6.08
CA PHE A 70 -3.30 11.25 5.53
C PHE A 70 -2.90 12.38 6.44
N VAL A 71 -1.62 12.43 6.82
CA VAL A 71 -1.12 13.56 7.58
C VAL A 71 0.02 14.17 6.80
N ALA A 72 -0.14 15.43 6.43
CA ALA A 72 0.90 16.15 5.74
C ALA A 72 1.71 16.94 6.77
N ILE A 73 3.03 16.84 6.71
CA ILE A 73 3.83 17.49 7.75
C ILE A 73 4.82 18.48 7.15
N THR A 74 5.06 19.55 7.88
CA THR A 74 6.05 20.51 7.55
C THR A 74 6.90 20.98 8.79
N PRO A 75 8.25 21.01 8.65
CA PRO A 75 9.14 21.39 9.80
C PRO A 75 8.72 22.67 10.45
N LEU A 76 8.69 22.69 11.78
CA LEU A 76 8.49 23.99 12.47
C LEU A 76 9.75 24.84 12.26
N ASP A 77 10.90 24.17 12.13
CA ASP A 77 12.13 24.86 11.84
C ASP A 77 12.80 24.32 10.57
N PRO A 78 12.61 25.00 9.42
CA PRO A 78 13.23 24.42 8.21
C PRO A 78 14.75 24.47 8.15
N SER A 79 15.39 25.22 9.07
CA SER A 79 16.87 25.31 9.13
C SER A 79 17.47 24.17 9.95
N GLN A 80 16.65 23.60 10.83
CA GLN A 80 17.02 22.36 11.56
C GLN A 80 17.20 21.21 10.53
N PRO A 81 18.11 20.26 10.80
CA PRO A 81 18.38 19.18 9.81
C PRO A 81 17.10 18.43 9.43
N ASP A 82 17.07 17.84 8.24
CA ASP A 82 15.83 17.17 7.85
C ASP A 82 15.79 15.63 7.89
N ASP A 83 15.38 15.15 9.06
CA ASP A 83 15.33 13.75 9.37
C ASP A 83 13.96 13.31 9.92
N ALA A 84 12.87 13.90 9.43
CA ALA A 84 11.52 13.51 9.90
C ALA A 84 11.24 12.02 9.68
N PRO A 85 11.50 11.48 8.48
CA PRO A 85 11.21 10.06 8.26
C PRO A 85 11.85 9.06 9.22
N ALA A 86 13.13 9.27 9.52
CA ALA A 86 13.88 8.46 10.51
C ALA A 86 13.35 8.65 11.91
N ARG A 87 13.04 9.86 12.32
CA ARG A 87 12.44 10.04 13.61
C ARG A 87 11.07 9.35 13.78
N LEU A 88 10.27 9.33 12.70
CA LEU A 88 8.89 8.83 12.76
C LEU A 88 8.82 7.33 12.56
N GLU A 89 9.93 6.74 12.14
CA GLU A 89 10.03 5.32 11.87
C GLU A 89 9.68 4.44 13.08
N HIS A 90 9.93 4.93 14.30
CA HIS A 90 9.64 4.16 15.50
C HIS A 90 8.20 4.31 15.95
N ILE A 91 7.41 5.08 15.20
CA ILE A 91 5.99 5.20 15.48
C ILE A 91 5.25 4.22 14.62
N GLU A 92 4.70 3.19 15.26
CA GLU A 92 4.19 2.02 14.55
C GLU A 92 2.90 2.30 13.81
N GLU A 93 2.10 3.25 14.28
CA GLU A 93 0.93 3.60 13.50
C GLU A 93 1.19 4.37 12.20
N VAL A 94 2.44 4.78 11.96
CA VAL A 94 2.83 5.37 10.67
C VAL A 94 3.09 4.25 9.65
N GLU A 95 2.16 4.03 8.74
CA GLU A 95 2.32 2.95 7.79
C GLU A 95 3.18 3.33 6.56
N SER A 96 3.16 4.61 6.14
CA SER A 96 3.98 5.09 5.02
C SER A 96 4.38 6.53 5.17
N CYS A 97 5.45 6.87 4.47
CA CYS A 97 6.02 8.18 4.56
C CYS A 97 6.58 8.48 3.17
N TYR A 98 6.12 9.57 2.56
CA TYR A 98 6.60 10.03 1.27
C TYR A 98 7.05 11.47 1.39
N SER A 99 8.08 11.88 0.63
CA SER A 99 8.39 13.28 0.49
C SER A 99 7.67 13.73 -0.79
N VAL A 100 7.28 14.99 -0.80
CA VAL A 100 6.30 15.46 -1.77
C VAL A 100 6.73 16.84 -2.27
N ALA A 101 6.40 17.16 -3.52
CA ALA A 101 6.59 18.51 -4.06
C ALA A 101 5.46 19.42 -3.58
N GLY A 102 5.74 20.68 -3.31
CA GLY A 102 4.72 21.61 -2.84
C GLY A 102 5.13 22.27 -1.53
N GLU A 103 4.14 22.76 -0.79
CA GLU A 103 4.35 23.53 0.44
C GLU A 103 4.71 22.62 1.61
N GLU A 104 4.03 21.51 1.71
CA GLU A 104 4.40 20.48 2.68
C GLU A 104 5.61 19.64 2.23
N SER A 105 6.25 18.99 3.21
CA SER A 105 7.44 18.18 3.02
C SER A 105 7.17 16.71 2.91
N TYR A 106 6.30 16.16 3.75
CA TYR A 106 6.08 14.74 3.80
C TYR A 106 4.61 14.54 3.94
N VAL A 107 4.16 13.43 3.36
CA VAL A 107 2.82 12.93 3.55
C VAL A 107 2.96 11.56 4.23
N LEU A 108 2.19 11.35 5.33
CA LEU A 108 2.10 10.08 6.04
C LEU A 108 0.72 9.45 5.88
N LEU A 109 0.69 8.12 5.85
CA LEU A 109 -0.55 7.38 6.09
C LEU A 109 -0.51 6.78 7.47
N VAL A 110 -1.53 7.07 8.27
CA VAL A 110 -1.57 6.72 9.69
C VAL A 110 -2.85 5.89 9.97
N ARG A 111 -2.76 4.89 10.84
CA ARG A 111 -3.94 4.11 11.26
C ARG A 111 -4.01 3.98 12.74
N VAL A 112 -5.21 4.12 13.25
CA VAL A 112 -5.46 4.33 14.67
C VAL A 112 -6.85 3.73 14.97
N ALA A 113 -7.09 3.45 16.24
CA ALA A 113 -8.30 2.81 16.75
C ALA A 113 -9.49 3.74 16.77
N SER A 114 -9.26 5.05 16.88
CA SER A 114 -10.39 5.98 17.09
C SER A 114 -9.96 7.44 17.03
N ALA A 115 -10.96 8.33 17.08
CA ALA A 115 -10.76 9.80 17.05
C ALA A 115 -9.82 10.31 18.11
N ARG A 116 -9.97 9.81 19.35
CA ARG A 116 -9.13 10.24 20.46
C ARG A 116 -7.72 9.69 20.41
N ALA A 117 -7.61 8.49 19.82
CA ALA A 117 -6.32 7.90 19.53
C ALA A 117 -5.63 8.71 18.44
N LEU A 118 -6.38 9.22 17.45
CA LEU A 118 -5.81 10.14 16.46
C LEU A 118 -5.28 11.41 17.12
N GLU A 119 -6.05 12.03 18.02
CA GLU A 119 -5.56 13.24 18.62
C GLU A 119 -4.25 13.02 19.41
N ASP A 120 -4.12 11.88 20.06
CA ASP A 120 -2.88 11.58 20.79
C ASP A 120 -1.72 11.35 19.85
N LEU A 121 -1.98 10.60 18.76
CA LEU A 121 -0.94 10.33 17.74
C LEU A 121 -0.41 11.61 17.06
N LEU A 122 -1.30 12.57 16.82
CA LEU A 122 -0.87 13.83 16.16
C LEU A 122 0.09 14.59 17.07
N GLN A 123 -0.21 14.63 18.37
CA GLN A 123 0.71 15.24 19.34
C GLN A 123 2.09 14.57 19.32
N ARG A 124 2.09 13.25 19.29
CA ARG A 124 3.29 12.50 19.19
C ARG A 124 4.04 12.80 17.93
N ILE A 125 3.36 12.80 16.78
CA ILE A 125 4.02 13.15 15.50
C ILE A 125 4.58 14.59 15.61
N ARG A 126 3.83 15.74 16.14
CA ARG A 126 4.28 17.16 16.21
C ARG A 126 5.56 17.11 17.05
N THR A 127 5.55 16.20 18.30
CA THR A 127 6.76 16.45 19.07
C THR A 127 7.94 15.64 18.56
N THR A 128 7.72 14.48 17.97
CA THR A 128 8.87 13.68 17.63
C THR A 128 9.61 14.22 16.39
N ALA A 129 8.88 14.81 15.43
CA ALA A 129 9.54 15.35 14.24
C ALA A 129 9.61 16.86 14.29
N ASN A 130 9.07 17.49 15.33
CA ASN A 130 9.05 18.94 15.38
C ASN A 130 8.43 19.64 14.13
N VAL A 131 7.14 19.41 13.95
CA VAL A 131 6.49 19.55 12.67
C VAL A 131 5.08 20.10 12.94
N ARG A 132 4.55 20.84 11.97
CA ARG A 132 3.10 21.06 11.95
C ARG A 132 2.42 20.05 11.05
N THR A 133 1.16 19.73 11.36
CA THR A 133 0.47 18.62 10.74
C THR A 133 -0.79 19.13 10.06
N ARG A 134 -1.18 18.54 8.93
CA ARG A 134 -2.49 18.88 8.34
C ARG A 134 -3.03 17.49 8.01
N SER A 135 -4.20 17.19 8.58
CA SER A 135 -4.76 15.85 8.56
C SER A 135 -5.92 15.80 7.64
N THR A 136 -5.97 14.74 6.86
CA THR A 136 -7.11 14.45 6.03
C THR A 136 -7.57 13.06 6.34
N ILE A 137 -8.74 12.98 6.95
CA ILE A 137 -9.32 11.71 7.33
C ILE A 137 -9.93 10.90 6.17
N ILE A 138 -9.59 9.60 6.13
CA ILE A 138 -10.11 8.73 5.14
C ILE A 138 -11.47 8.22 5.59
N LEU A 139 -12.47 8.35 4.75
CA LEU A 139 -13.82 7.87 5.08
C LEU A 139 -14.10 6.47 4.59
N ASN A 140 -13.53 6.09 3.44
CA ASN A 140 -13.71 4.76 2.88
C ASN A 140 -12.60 4.49 1.90
N THR A 141 -12.10 3.25 1.88
CA THR A 141 -11.08 2.78 0.93
C THR A 141 -11.81 1.98 -0.14
N PHE A 142 -11.93 2.48 -1.37
CA PHE A 142 -12.64 1.73 -2.40
C PHE A 142 -11.85 0.55 -2.94
N TYR A 143 -10.55 0.70 -3.08
CA TYR A 143 -9.61 -0.36 -3.47
C TYR A 143 -8.24 0.23 -3.23
N SER A 144 -7.25 -0.64 -3.07
CA SER A 144 -5.92 -0.20 -2.74
C SER A 144 -4.92 -1.23 -3.20
N ASP A 145 -3.68 -0.77 -3.31
CA ASP A 145 -2.54 -1.61 -3.56
C ASP A 145 -2.72 -2.45 -4.81
N ARG A 146 -3.44 -1.93 -5.79
CA ARG A 146 -3.52 -2.68 -7.01
C ARG A 146 -2.37 -2.40 -7.96
N GLN A 147 -1.32 -3.21 -7.84
CA GLN A 147 -0.02 -3.01 -8.51
C GLN A 147 -0.11 -3.30 -9.98
N HIS A 148 0.41 -2.40 -10.80
CA HIS A 148 0.27 -2.47 -12.25
C HIS A 148 1.66 -2.76 -12.83
N ILE A 149 1.74 -3.85 -13.59
CA ILE A 149 2.94 -4.18 -14.35
C ILE A 149 2.57 -3.97 -15.82
N PRO A 150 3.14 -2.94 -16.43
CA PRO A 150 2.89 -2.74 -17.86
C PRO A 150 3.85 -3.58 -18.73
N ALA B 4 -13.86 -10.54 18.33
CA ALA B 4 -12.70 -11.29 18.94
C ALA B 4 -11.73 -11.82 17.89
N LEU B 5 -10.44 -11.57 18.11
CA LEU B 5 -9.40 -12.19 17.33
C LEU B 5 -8.51 -12.97 18.31
N ASP B 6 -8.82 -14.26 18.47
CA ASP B 6 -8.10 -15.17 19.36
C ASP B 6 -6.59 -14.95 19.27
N ASP B 7 -6.04 -14.11 20.13
CA ASP B 7 -4.68 -13.55 19.95
C ASP B 7 -3.51 -14.48 19.59
N ILE B 8 -3.77 -15.78 19.41
CA ILE B 8 -2.78 -16.59 18.68
C ILE B 8 -2.96 -16.24 17.19
N ASP B 9 -4.21 -16.08 16.76
CA ASP B 9 -4.57 -15.41 15.51
C ASP B 9 -3.82 -14.08 15.24
N ARG B 10 -3.58 -13.28 16.28
CA ARG B 10 -2.73 -12.07 16.14
C ARG B 10 -1.27 -12.36 15.82
N ILE B 11 -0.73 -13.49 16.31
CA ILE B 11 0.63 -13.93 15.95
C ILE B 11 0.65 -14.30 14.48
N LEU B 12 -0.40 -14.97 14.02
CA LEU B 12 -0.45 -15.49 12.64
C LEU B 12 -0.48 -14.37 11.58
N VAL B 13 -1.48 -13.48 11.69
CA VAL B 13 -1.55 -12.25 10.87
C VAL B 13 -0.26 -11.41 11.00
N ARG B 14 0.28 -11.31 12.20
CA ARG B 14 1.49 -10.57 12.37
C ARG B 14 2.66 -11.14 11.57
N GLU B 15 2.76 -12.46 11.57
CA GLU B 15 3.84 -13.17 10.89
C GLU B 15 3.69 -13.13 9.36
N LEU B 16 2.46 -13.29 8.89
CA LEU B 16 2.10 -13.32 7.48
C LEU B 16 2.12 -11.94 6.81
N ALA B 17 1.85 -10.89 7.60
CA ALA B 17 2.06 -9.49 7.20
C ALA B 17 3.54 -9.24 6.99
N ALA B 18 4.38 -9.75 7.87
CA ALA B 18 5.82 -9.55 7.70
C ALA B 18 6.40 -10.42 6.58
N ASP B 19 5.90 -11.66 6.42
CA ASP B 19 6.42 -12.60 5.38
C ASP B 19 5.27 -13.45 4.84
N GLY B 20 4.66 -13.00 3.75
CA GLY B 20 3.46 -13.61 3.21
C GLY B 20 3.71 -14.92 2.50
N ARG B 21 4.98 -15.27 2.32
CA ARG B 21 5.40 -16.60 1.86
C ARG B 21 5.89 -17.54 2.98
N ALA B 22 5.68 -17.17 4.25
CA ALA B 22 5.94 -18.08 5.38
C ALA B 22 5.24 -19.41 5.10
N THR B 23 5.90 -20.52 5.44
CA THR B 23 5.25 -21.83 5.28
C THR B 23 4.52 -22.25 6.53
N LEU B 24 3.43 -22.98 6.32
CA LEU B 24 2.50 -23.38 7.38
C LEU B 24 3.21 -24.20 8.48
N SER B 25 4.42 -24.66 8.15
CA SER B 25 5.25 -25.45 9.06
C SER B 25 6.32 -24.61 9.77
N GLU B 26 6.95 -23.67 9.04
CA GLU B 26 7.84 -22.68 9.66
C GLU B 26 7.03 -21.68 10.49
N LEU B 27 5.71 -21.68 10.29
CA LEU B 27 4.78 -20.88 11.11
C LEU B 27 4.51 -21.55 12.43
N ALA B 28 4.00 -22.80 12.36
CA ALA B 28 3.64 -23.63 13.53
C ALA B 28 4.66 -23.61 14.66
N THR B 29 5.94 -23.69 14.33
CA THR B 29 7.02 -23.56 15.33
C THR B 29 7.08 -22.15 15.95
N ARG B 30 6.99 -21.11 15.11
CA ARG B 30 7.01 -19.71 15.57
C ARG B 30 5.79 -19.30 16.43
N ALA B 31 4.69 -20.06 16.34
CA ALA B 31 3.43 -19.78 17.05
C ALA B 31 3.13 -20.80 18.16
N GLY B 32 3.66 -22.02 18.02
CA GLY B 32 3.41 -23.12 18.95
C GLY B 32 2.06 -23.79 18.69
N LEU B 33 1.94 -24.45 17.54
CA LEU B 33 0.75 -25.23 17.17
C LEU B 33 1.10 -26.40 16.25
N SER B 34 0.08 -26.97 15.60
CA SER B 34 0.31 -28.06 14.67
C SER B 34 -0.28 -27.71 13.31
N VAL B 35 0.49 -27.98 12.24
CA VAL B 35 0.07 -27.76 10.83
C VAL B 35 -1.46 -27.78 10.55
N SER B 36 -2.19 -28.67 11.21
CA SER B 36 -3.65 -28.78 10.96
C SER B 36 -4.46 -27.65 11.58
N ALA B 37 -4.00 -27.15 12.73
CA ALA B 37 -4.58 -25.98 13.40
C ALA B 37 -4.19 -24.71 12.61
N VAL B 38 -2.88 -24.51 12.43
CA VAL B 38 -2.31 -23.42 11.63
C VAL B 38 -3.05 -23.27 10.30
N GLN B 39 -3.15 -24.34 9.54
CA GLN B 39 -3.83 -24.33 8.26
C GLN B 39 -5.32 -23.96 8.33
N SER B 40 -5.97 -24.35 9.41
CA SER B 40 -7.42 -24.14 9.50
C SER B 40 -7.78 -22.73 9.97
N ARG B 41 -6.96 -22.17 10.87
CA ARG B 41 -7.08 -20.77 11.26
C ARG B 41 -6.90 -19.88 10.03
N VAL B 42 -5.77 -20.03 9.34
CA VAL B 42 -5.44 -19.27 8.13
C VAL B 42 -6.59 -19.29 7.08
N ARG B 43 -7.23 -20.45 6.91
CA ARG B 43 -8.37 -20.58 5.98
C ARG B 43 -9.63 -19.86 6.52
N ARG B 44 -9.71 -19.73 7.83
CA ARG B 44 -10.83 -19.07 8.51
C ARG B 44 -10.62 -17.54 8.53
N LEU B 45 -9.36 -17.14 8.77
CA LEU B 45 -8.93 -15.75 8.61
C LEU B 45 -9.16 -15.23 7.20
N GLU B 46 -8.97 -16.07 6.19
CA GLU B 46 -9.20 -15.65 4.82
C GLU B 46 -10.69 -15.52 4.51
N SER B 47 -11.48 -16.40 5.13
CA SER B 47 -12.93 -16.44 4.96
C SER B 47 -13.73 -15.28 5.62
N ARG B 48 -13.44 -14.95 6.88
CA ARG B 48 -13.79 -13.60 7.39
C ARG B 48 -12.74 -12.69 6.80
N GLY B 49 -13.11 -11.73 5.96
CA GLY B 49 -12.10 -10.99 5.17
C GLY B 49 -10.97 -10.30 5.93
N VAL B 50 -10.37 -10.98 6.91
CA VAL B 50 -9.22 -10.50 7.71
C VAL B 50 -7.91 -10.50 6.91
N VAL B 51 -7.50 -11.67 6.39
CA VAL B 51 -6.54 -11.67 5.29
C VAL B 51 -7.28 -11.67 3.95
N GLN B 52 -6.93 -10.67 3.15
CA GLN B 52 -7.62 -10.33 1.92
C GLN B 52 -6.90 -10.78 0.67
N GLY B 53 -5.68 -11.27 0.80
CA GLY B 53 -4.83 -11.60 -0.34
C GLY B 53 -3.40 -11.69 0.15
N TYR B 54 -2.51 -12.10 -0.75
CA TYR B 54 -1.07 -12.12 -0.51
C TYR B 54 -0.48 -11.48 -1.74
N SER B 55 0.54 -10.65 -1.56
CA SER B 55 1.12 -10.05 -2.75
C SER B 55 2.62 -9.94 -2.63
N ALA B 56 3.31 -10.04 -3.75
CA ALA B 56 4.70 -9.64 -3.78
C ALA B 56 4.67 -8.09 -3.82
N ARG B 57 5.58 -7.45 -3.11
CA ARG B 57 5.74 -5.99 -3.18
C ARG B 57 6.71 -5.61 -4.27
N ILE B 58 6.20 -5.11 -5.38
CA ILE B 58 7.03 -4.81 -6.53
C ILE B 58 7.57 -3.35 -6.47
N ASN B 59 8.84 -3.18 -6.76
CA ASN B 59 9.45 -1.86 -6.87
C ASN B 59 8.94 -1.16 -8.14
N PRO B 60 8.15 -0.04 -7.97
CA PRO B 60 7.48 0.58 -9.11
C PRO B 60 8.47 1.14 -10.12
N GLU B 61 9.56 1.73 -9.65
CA GLU B 61 10.53 2.23 -10.63
C GLU B 61 11.30 1.12 -11.36
N ALA B 62 11.52 -0.02 -10.68
CA ALA B 62 12.10 -1.21 -11.34
C ALA B 62 11.28 -1.63 -12.58
N VAL B 63 10.01 -1.29 -12.56
CA VAL B 63 9.08 -1.73 -13.60
C VAL B 63 8.72 -0.63 -14.60
N GLY B 64 9.37 0.51 -14.50
CA GLY B 64 9.10 1.60 -15.42
C GLY B 64 8.25 2.79 -14.89
N HIS B 65 7.72 2.70 -13.67
CA HIS B 65 6.91 3.79 -13.07
C HIS B 65 7.80 4.74 -12.32
N LEU B 66 8.32 5.74 -13.03
CA LEU B 66 9.33 6.63 -12.45
C LEU B 66 8.69 7.93 -11.84
N LEU B 67 7.37 8.03 -11.97
CA LEU B 67 6.63 9.13 -11.46
C LEU B 67 5.37 8.67 -10.65
N SER B 68 5.37 8.83 -9.33
CA SER B 68 4.12 8.56 -8.59
C SER B 68 3.45 9.87 -8.11
N ALA B 69 2.14 9.87 -7.87
CA ALA B 69 1.47 11.13 -7.52
C ALA B 69 0.23 10.78 -6.73
N PHE B 70 -0.14 11.62 -5.75
CA PHE B 70 -1.51 11.63 -5.24
C PHE B 70 -2.30 12.57 -6.08
N VAL B 71 -3.53 12.22 -6.40
CA VAL B 71 -4.34 13.00 -7.30
C VAL B 71 -5.64 13.14 -6.52
N ALA B 72 -5.97 14.37 -6.09
CA ALA B 72 -7.16 14.69 -5.35
C ALA B 72 -8.19 15.06 -6.37
N ILE B 73 -9.36 14.46 -6.31
CA ILE B 73 -10.35 14.76 -7.37
C ILE B 73 -11.71 15.16 -6.77
N THR B 74 -12.48 15.98 -7.48
CA THR B 74 -13.81 16.34 -7.05
C THR B 74 -14.71 16.40 -8.27
N PRO B 75 -15.90 15.78 -8.19
CA PRO B 75 -16.91 15.84 -9.27
C PRO B 75 -17.26 17.25 -9.67
N LEU B 76 -17.30 17.46 -10.98
CA LEU B 76 -17.64 18.74 -11.57
C LEU B 76 -19.12 19.10 -11.40
N ASP B 77 -19.99 18.08 -11.38
CA ASP B 77 -21.41 18.35 -11.39
C ASP B 77 -22.11 17.55 -10.30
N PRO B 78 -22.43 18.21 -9.18
CA PRO B 78 -23.05 17.53 -8.03
C PRO B 78 -24.53 17.14 -8.24
N SER B 79 -25.14 17.58 -9.34
CA SER B 79 -26.48 17.11 -9.67
C SER B 79 -26.40 15.69 -10.21
N GLN B 80 -25.21 15.20 -10.54
CA GLN B 80 -25.05 13.87 -11.11
C GLN B 80 -24.67 12.89 -10.02
N PRO B 81 -25.01 11.60 -10.20
CA PRO B 81 -24.56 10.56 -9.28
C PRO B 81 -23.03 10.57 -9.12
N ASP B 82 -22.58 10.41 -7.90
CA ASP B 82 -21.17 10.42 -7.64
C ASP B 82 -20.64 8.98 -7.67
N ASP B 83 -20.14 8.55 -8.83
CA ASP B 83 -19.76 7.18 -9.00
C ASP B 83 -18.30 7.11 -9.43
N ALA B 84 -17.52 8.15 -9.09
CA ALA B 84 -16.14 8.26 -9.63
C ALA B 84 -15.30 7.00 -9.40
N PRO B 85 -15.30 6.41 -8.17
CA PRO B 85 -14.47 5.18 -7.97
C PRO B 85 -14.74 4.02 -8.94
N ALA B 86 -16.02 3.68 -9.12
CA ALA B 86 -16.48 2.70 -10.11
C ALA B 86 -16.02 3.05 -11.53
N ARG B 87 -16.22 4.30 -11.93
CA ARG B 87 -15.70 4.76 -13.21
C ARG B 87 -14.20 4.71 -13.39
N LEU B 88 -13.43 4.88 -12.34
CA LEU B 88 -11.99 4.91 -12.54
C LEU B 88 -11.37 3.54 -12.40
N GLU B 89 -12.15 2.58 -11.92
CA GLU B 89 -11.64 1.27 -11.56
C GLU B 89 -10.96 0.54 -12.72
N HIS B 90 -11.34 0.86 -13.93
CA HIS B 90 -10.76 0.18 -15.10
C HIS B 90 -9.45 0.79 -15.56
N ILE B 91 -9.12 1.98 -15.03
CA ILE B 91 -7.87 2.63 -15.33
C ILE B 91 -6.79 2.01 -14.45
N GLU B 92 -5.84 1.34 -15.07
CA GLU B 92 -4.89 0.48 -14.37
C GLU B 92 -3.82 1.23 -13.61
N GLU B 93 -3.52 2.45 -14.04
CA GLU B 93 -2.53 3.23 -13.33
C GLU B 93 -3.01 3.80 -11.98
N VAL B 94 -4.32 3.69 -11.69
CA VAL B 94 -4.80 3.98 -10.35
C VAL B 94 -4.64 2.82 -9.38
N GLU B 95 -3.68 2.98 -8.50
CA GLU B 95 -3.36 1.96 -7.56
C GLU B 95 -4.33 1.90 -6.36
N SER B 96 -4.84 3.06 -5.96
CA SER B 96 -5.71 3.19 -4.78
C SER B 96 -6.70 4.31 -4.98
N CYS B 97 -7.88 4.21 -4.34
CA CYS B 97 -8.88 5.25 -4.35
C CYS B 97 -9.56 5.33 -2.98
N TYR B 98 -9.60 6.53 -2.40
CA TYR B 98 -10.17 6.75 -1.05
C TYR B 98 -11.12 7.91 -1.12
N SER B 99 -12.25 7.88 -0.43
CA SER B 99 -12.98 9.09 -0.15
C SER B 99 -12.44 9.67 1.15
N VAL B 100 -12.52 10.97 1.27
CA VAL B 100 -11.72 11.63 2.29
C VAL B 100 -12.56 12.82 2.82
N ALA B 101 -12.35 13.19 4.07
CA ALA B 101 -12.92 14.45 4.58
C ALA B 101 -11.85 15.51 4.48
N GLY B 102 -11.83 16.30 3.42
CA GLY B 102 -10.74 17.30 3.28
C GLY B 102 -11.25 18.39 2.37
N GLU B 103 -10.40 18.81 1.45
CA GLU B 103 -10.75 19.84 0.45
C GLU B 103 -11.33 19.24 -0.81
N GLU B 104 -11.06 17.97 -1.04
CA GLU B 104 -11.44 17.28 -2.28
C GLU B 104 -12.26 16.10 -1.84
N SER B 105 -12.98 15.47 -2.76
CA SER B 105 -13.77 14.33 -2.43
C SER B 105 -13.00 13.02 -2.34
N TYR B 106 -12.01 12.81 -3.22
CA TYR B 106 -11.31 11.50 -3.22
C TYR B 106 -9.85 11.83 -3.39
N VAL B 107 -9.02 10.90 -2.97
CA VAL B 107 -7.59 10.90 -3.25
C VAL B 107 -7.27 9.56 -3.92
N LEU B 108 -6.50 9.61 -5.02
CA LEU B 108 -5.96 8.47 -5.77
C LEU B 108 -4.47 8.43 -5.63
N LEU B 109 -3.90 7.22 -5.64
CA LEU B 109 -2.49 7.07 -5.79
C LEU B 109 -2.32 6.49 -7.18
N VAL B 110 -1.49 7.16 -7.97
CA VAL B 110 -1.34 6.94 -9.38
C VAL B 110 0.17 6.72 -9.63
N ARG B 111 0.49 5.90 -10.62
CA ARG B 111 1.88 5.62 -11.03
C ARG B 111 2.02 5.57 -12.55
N VAL B 112 3.09 6.16 -13.06
CA VAL B 112 3.12 6.55 -14.45
C VAL B 112 4.57 6.64 -14.88
N ALA B 113 4.85 6.66 -16.18
CA ALA B 113 6.26 6.58 -16.67
C ALA B 113 6.99 7.89 -16.50
N SER B 114 6.26 8.99 -16.67
CA SER B 114 6.85 10.32 -16.72
C SER B 114 5.80 11.41 -16.53
N ALA B 115 6.28 12.65 -16.42
CA ALA B 115 5.41 13.84 -16.23
C ALA B 115 4.44 14.02 -17.39
N ARG B 116 4.93 13.74 -18.58
CA ARG B 116 4.15 13.71 -19.81
C ARG B 116 3.01 12.70 -19.80
N ALA B 117 3.34 11.47 -19.43
CA ALA B 117 2.35 10.42 -19.21
C ALA B 117 1.32 10.79 -18.11
N LEU B 118 1.74 11.51 -17.06
CA LEU B 118 0.78 11.99 -16.03
C LEU B 118 -0.23 12.97 -16.61
N GLU B 119 0.23 13.87 -17.48
CA GLU B 119 -0.69 14.81 -18.08
C GLU B 119 -1.76 14.08 -18.89
N ASP B 120 -1.35 13.12 -19.73
CA ASP B 120 -2.28 12.23 -20.42
C ASP B 120 -3.25 11.50 -19.49
N LEU B 121 -2.71 10.88 -18.45
CA LEU B 121 -3.54 10.21 -17.46
C LEU B 121 -4.56 11.13 -16.80
N LEU B 122 -4.17 12.35 -16.47
CA LEU B 122 -5.06 13.31 -15.80
C LEU B 122 -6.21 13.70 -16.73
N GLN B 123 -5.91 13.94 -18.00
CA GLN B 123 -6.95 14.11 -19.03
C GLN B 123 -7.95 12.95 -19.12
N ARG B 124 -7.46 11.73 -19.19
CA ARG B 124 -8.32 10.56 -19.14
C ARG B 124 -9.14 10.49 -17.87
N ILE B 125 -8.53 10.80 -16.71
CA ILE B 125 -9.30 10.80 -15.45
C ILE B 125 -10.42 11.86 -15.47
N ARG B 126 -10.08 13.08 -15.90
CA ARG B 126 -11.07 14.15 -15.95
C ARG B 126 -12.27 13.77 -16.83
N THR B 127 -11.99 13.34 -18.06
CA THR B 127 -13.05 13.02 -19.00
C THR B 127 -13.77 11.71 -18.63
N THR B 128 -13.08 10.72 -18.11
CA THR B 128 -13.83 9.53 -17.85
C THR B 128 -14.68 9.60 -16.58
N ALA B 129 -14.23 10.33 -15.55
CA ALA B 129 -15.06 10.44 -14.33
C ALA B 129 -15.72 11.79 -14.12
N ASN B 130 -15.54 12.71 -15.05
CA ASN B 130 -16.12 14.06 -14.91
C ASN B 130 -15.73 14.80 -13.60
N VAL B 131 -14.42 14.97 -13.43
CA VAL B 131 -13.84 15.46 -12.19
C VAL B 131 -12.76 16.48 -12.51
N ARG B 132 -12.56 17.40 -11.58
CA ARG B 132 -11.36 18.21 -11.64
C ARG B 132 -10.29 17.50 -10.80
N THR B 133 -9.05 17.72 -11.16
CA THR B 133 -7.96 17.05 -10.47
C THR B 133 -6.97 18.04 -9.84
N ARG B 134 -6.26 17.56 -8.83
CA ARG B 134 -5.21 18.31 -8.23
C ARG B 134 -4.13 17.31 -7.76
N SER B 135 -2.94 17.40 -8.36
CA SER B 135 -1.89 16.38 -8.17
C SER B 135 -0.80 16.84 -7.26
N THR B 136 -0.36 15.95 -6.40
CA THR B 136 0.75 16.19 -5.54
C THR B 136 1.74 15.13 -5.91
N ILE B 137 2.88 15.53 -6.47
CA ILE B 137 3.93 14.62 -6.93
C ILE B 137 4.78 14.12 -5.75
N ILE B 138 4.98 12.80 -5.71
CA ILE B 138 5.86 12.16 -4.75
C ILE B 138 7.31 12.20 -5.27
N LEU B 139 8.25 12.58 -4.42
CA LEU B 139 9.63 12.67 -4.81
C LEU B 139 10.37 11.36 -4.45
N ASN B 140 10.11 10.88 -3.24
CA ASN B 140 10.70 9.66 -2.74
C ASN B 140 9.74 8.94 -1.81
N THR B 141 9.83 7.61 -1.79
CA THR B 141 9.08 6.81 -0.80
C THR B 141 10.04 6.29 0.26
N PHE B 142 9.90 6.71 1.52
CA PHE B 142 10.84 6.28 2.55
C PHE B 142 10.52 4.93 3.11
N TYR B 143 9.24 4.64 3.33
CA TYR B 143 8.79 3.29 3.62
C TYR B 143 7.33 3.36 3.38
N SER B 144 6.74 2.24 2.98
CA SER B 144 5.32 2.12 2.75
C SER B 144 4.82 0.74 3.22
N ASP B 145 3.51 0.62 3.43
CA ASP B 145 2.93 -0.67 3.79
C ASP B 145 3.48 -1.35 5.04
N ARG B 146 3.95 -0.60 6.04
CA ARG B 146 4.33 -1.20 7.29
C ARG B 146 3.03 -1.46 8.05
N GLN B 147 2.40 -2.59 7.78
CA GLN B 147 1.17 -3.01 8.47
C GLN B 147 1.43 -3.27 9.93
N HIS B 148 0.67 -2.59 10.79
CA HIS B 148 0.85 -2.65 12.23
C HIS B 148 -0.30 -3.45 12.83
N ILE B 149 0.05 -4.44 13.65
CA ILE B 149 -0.95 -5.28 14.31
C ILE B 149 -0.79 -5.07 15.80
N PRO B 150 -1.81 -4.45 16.43
CA PRO B 150 -1.79 -4.04 17.84
C PRO B 150 -1.76 -5.24 18.80
N PHE C . 8.19 20.28 -0.57
CA PHE C . 9.55 20.60 -1.11
C PHE C . 9.45 21.25 -2.48
O PHE C . 10.45 21.75 -3.00
CB PHE C . 10.46 19.33 -1.18
CG PHE C . 10.91 18.81 0.16
CD1 PHE C . 11.82 19.54 0.96
CD2 PHE C . 10.44 17.58 0.64
CE1 PHE C . 12.25 19.05 2.23
CE2 PHE C . 10.83 17.08 1.88
CZ PHE C . 11.77 17.82 2.69
OXT PHE C . 8.36 21.33 -3.11
#